data_1OW7
#
_entry.id   1OW7
#
_cell.length_a   88.994
_cell.length_b   219.665
_cell.length_c   96.199
_cell.angle_alpha   90.00
_cell.angle_beta   90.00
_cell.angle_gamma   90.00
#
_symmetry.space_group_name_H-M   'C 2 2 21'
#
loop_
_entity.id
_entity.type
_entity.pdbx_description
1 polymer 'Focal adhesion kinase 1'
2 polymer Paxillin
3 water water
#
loop_
_entity_poly.entity_id
_entity_poly.type
_entity_poly.pdbx_seq_one_letter_code
_entity_poly.pdbx_strand_id
1 'polypeptide(L)'
;SSPADSYNEGVKLQPQEISPPPTANLDRSNDKVYENVTGLVKAVIEMSSKIQPAPPEEYVPMVKEVGLALRTLLATVDET
IPLLPASTHREIEMAQKLLNSDLGELINKMKLAQQYVMTSLQQEYKKQMLTAAHALAVDAKNLLDVIDQARLKMLGQTRP
H
;
A,B,C
2 'polypeptide(L)' ATRELDELMASLS D,E,F
#
# COMPACT_ATOMS: atom_id res chain seq x y z
N ASN A 25 21.93 9.70 15.38
CA ASN A 25 21.39 8.52 14.64
C ASN A 25 20.48 8.95 13.49
N LEU A 26 19.41 9.67 13.81
CA LEU A 26 18.44 10.12 12.81
C LEU A 26 19.00 10.67 11.50
N ASP A 27 18.37 10.29 10.40
CA ASP A 27 18.78 10.75 9.08
C ASP A 27 18.07 12.09 8.85
N ARG A 28 18.86 13.13 8.63
CA ARG A 28 18.31 14.46 8.45
C ARG A 28 18.13 14.85 7.00
N SER A 29 18.48 13.95 6.09
CA SER A 29 18.39 14.22 4.66
C SER A 29 17.15 14.99 4.21
N ASN A 30 16.00 14.68 4.81
CA ASN A 30 14.78 15.37 4.43
C ASN A 30 13.98 15.73 5.67
N ASP A 31 14.71 16.19 6.69
CA ASP A 31 14.10 16.59 7.93
C ASP A 31 13.92 18.10 7.78
N LYS A 32 12.71 18.53 7.43
CA LYS A 32 12.50 19.95 7.26
C LYS A 32 12.55 20.68 8.58
N VAL A 33 12.12 20.01 9.65
CA VAL A 33 12.12 20.62 10.97
C VAL A 33 13.56 20.89 11.36
N TYR A 34 14.39 19.88 11.22
CA TYR A 34 15.79 20.05 11.54
C TYR A 34 16.45 21.11 10.62
N GLU A 35 15.96 21.20 9.39
CA GLU A 35 16.51 22.15 8.41
C GLU A 35 16.13 23.60 8.74
N ASN A 36 14.92 23.78 9.23
CA ASN A 36 14.43 25.11 9.58
C ASN A 36 15.05 25.60 10.87
N VAL A 37 15.16 24.72 11.86
CA VAL A 37 15.78 25.06 13.12
C VAL A 37 17.21 25.50 12.82
N THR A 38 17.88 24.76 11.95
CA THR A 38 19.22 25.16 11.58
C THR A 38 19.20 26.57 10.97
N GLY A 39 18.24 26.83 10.10
CA GLY A 39 18.14 28.13 9.48
C GLY A 39 17.83 29.23 10.49
N LEU A 40 16.98 28.94 11.46
CA LEU A 40 16.65 29.93 12.47
C LEU A 40 17.86 30.22 13.32
N VAL A 41 18.60 29.18 13.67
CA VAL A 41 19.80 29.35 14.48
C VAL A 41 20.87 30.13 13.70
N LYS A 42 20.97 29.89 12.40
CA LYS A 42 21.94 30.61 11.61
C LYS A 42 21.53 32.09 11.48
N ALA A 43 20.24 32.38 11.56
CA ALA A 43 19.75 33.73 11.43
C ALA A 43 20.04 34.43 12.72
N VAL A 44 19.76 33.76 13.83
CA VAL A 44 20.05 34.33 15.13
C VAL A 44 21.55 34.57 15.24
N ILE A 45 22.35 33.73 14.58
CA ILE A 45 23.80 33.87 14.64
C ILE A 45 24.35 35.03 13.81
N GLU A 46 23.86 35.20 12.58
CA GLU A 46 24.35 36.31 11.77
C GLU A 46 23.95 37.63 12.39
N MET A 47 22.79 37.65 13.05
CA MET A 47 22.30 38.86 13.67
C MET A 47 23.20 39.17 14.83
N SER A 48 23.56 38.15 15.59
CA SER A 48 24.43 38.33 16.75
C SER A 48 25.86 38.76 16.48
N SER A 49 26.51 38.16 15.50
CA SER A 49 27.88 38.54 15.20
C SER A 49 27.97 39.92 14.52
N LYS A 50 26.83 40.39 14.01
CA LYS A 50 26.77 41.67 13.31
C LYS A 50 26.14 42.82 14.07
N ILE A 51 25.55 42.54 15.21
CA ILE A 51 24.86 43.61 15.88
C ILE A 51 25.60 44.84 16.41
N GLN A 52 26.68 44.65 17.17
CA GLN A 52 27.40 45.80 17.75
C GLN A 52 27.77 46.96 16.79
N PRO A 53 28.48 46.68 15.68
CA PRO A 53 28.82 47.79 14.77
C PRO A 53 27.63 48.34 13.95
N ALA A 54 26.52 47.61 13.95
CA ALA A 54 25.36 47.98 13.14
C ALA A 54 24.40 49.09 13.53
N PRO A 55 23.86 49.78 12.52
CA PRO A 55 22.90 50.88 12.68
C PRO A 55 21.49 50.26 12.73
N PRO A 56 20.46 51.06 13.07
CA PRO A 56 19.17 50.37 13.07
C PRO A 56 18.76 49.96 11.65
N GLU A 57 19.29 50.68 10.65
CA GLU A 57 18.96 50.39 9.24
C GLU A 57 19.45 49.02 8.82
N GLU A 58 20.44 48.50 9.54
CA GLU A 58 20.99 47.19 9.23
C GLU A 58 20.46 46.08 10.13
N TYR A 59 20.13 46.40 11.39
CA TYR A 59 19.66 45.33 12.26
C TYR A 59 18.17 45.07 12.29
N VAL A 60 17.36 45.97 11.75
CA VAL A 60 15.94 45.70 11.72
C VAL A 60 15.68 44.60 10.67
N PRO A 61 16.35 44.70 9.51
CA PRO A 61 16.18 43.69 8.46
C PRO A 61 16.65 42.34 9.03
N MET A 62 17.76 42.38 9.78
CA MET A 62 18.35 41.21 10.45
C MET A 62 17.32 40.50 11.37
N VAL A 63 16.57 41.26 12.15
CA VAL A 63 15.55 40.68 13.03
C VAL A 63 14.39 40.19 12.17
N LYS A 64 14.13 40.90 11.08
CA LYS A 64 13.07 40.49 10.16
C LYS A 64 13.38 39.12 9.57
N GLU A 65 14.66 38.82 9.36
CA GLU A 65 15.01 37.50 8.85
C GLU A 65 14.77 36.43 9.90
N VAL A 66 15.19 36.71 11.12
CA VAL A 66 15.00 35.79 12.23
C VAL A 66 13.51 35.46 12.28
N GLY A 67 12.68 36.48 12.14
CA GLY A 67 11.24 36.26 12.17
C GLY A 67 10.73 35.42 11.01
N LEU A 68 11.26 35.61 9.81
CA LEU A 68 10.81 34.81 8.68
C LEU A 68 11.21 33.34 8.87
N ALA A 69 12.38 33.12 9.46
CA ALA A 69 12.91 31.79 9.72
C ALA A 69 12.08 31.14 10.81
N LEU A 70 11.67 31.92 11.81
CA LEU A 70 10.85 31.33 12.84
C LEU A 70 9.46 30.98 12.30
N ARG A 71 8.87 31.86 11.49
CA ARG A 71 7.54 31.61 10.93
C ARG A 71 7.55 30.36 10.08
N THR A 72 8.60 30.21 9.27
CA THR A 72 8.79 29.05 8.40
C THR A 72 8.89 27.76 9.25
N LEU A 73 9.62 27.84 10.36
CA LEU A 73 9.81 26.71 11.24
C LEU A 73 8.52 26.26 11.90
N LEU A 74 7.75 27.21 12.40
CA LEU A 74 6.50 26.87 13.07
C LEU A 74 5.48 26.27 12.10
N ALA A 75 5.53 26.71 10.84
CA ALA A 75 4.64 26.19 9.81
C ALA A 75 4.95 24.71 9.66
N THR A 76 6.23 24.40 9.45
CA THR A 76 6.68 23.02 9.31
C THR A 76 6.29 22.18 10.50
N VAL A 77 6.53 22.67 11.70
CA VAL A 77 6.19 21.91 12.88
C VAL A 77 4.68 21.71 12.96
N ASP A 78 3.93 22.68 12.47
CA ASP A 78 2.47 22.58 12.47
C ASP A 78 2.00 21.43 11.60
N GLU A 79 2.71 21.16 10.52
CA GLU A 79 2.34 20.06 9.63
C GLU A 79 2.87 18.71 10.09
N THR A 80 3.83 18.73 11.00
CA THR A 80 4.41 17.51 11.48
C THR A 80 3.65 16.96 12.66
N ILE A 81 2.99 17.82 13.43
CA ILE A 81 2.27 17.35 14.61
C ILE A 81 1.33 16.17 14.36
N PRO A 82 0.50 16.26 13.30
CA PRO A 82 -0.44 15.18 12.99
C PRO A 82 0.18 13.78 12.82
N LEU A 83 1.49 13.70 12.57
CA LEU A 83 2.15 12.41 12.38
C LEU A 83 2.79 11.86 13.65
N LEU A 84 2.64 12.59 14.75
CA LEU A 84 3.26 12.21 16.00
C LEU A 84 2.23 11.81 17.04
N PRO A 85 2.64 10.97 18.02
CA PRO A 85 1.74 10.51 19.08
C PRO A 85 1.02 11.66 19.79
N ALA A 86 -0.31 11.60 19.86
CA ALA A 86 -1.07 12.66 20.52
C ALA A 86 -0.54 12.90 21.92
N SER A 87 0.11 11.90 22.49
CA SER A 87 0.64 12.03 23.83
C SER A 87 1.76 13.05 23.90
N THR A 88 2.32 13.39 22.74
CA THR A 88 3.42 14.33 22.69
C THR A 88 2.99 15.73 22.27
N HIS A 89 1.83 15.82 21.64
CA HIS A 89 1.28 17.08 21.13
C HIS A 89 1.33 18.35 21.97
N ARG A 90 1.09 18.24 23.27
CA ARG A 90 1.10 19.45 24.08
C ARG A 90 2.49 19.93 24.43
N GLU A 91 3.42 19.02 24.66
CA GLU A 91 4.78 19.45 24.99
C GLU A 91 5.32 20.23 23.79
N ILE A 92 4.90 19.83 22.60
CA ILE A 92 5.33 20.47 21.36
C ILE A 92 4.65 21.82 21.20
N GLU A 93 3.36 21.87 21.50
CA GLU A 93 2.61 23.09 21.40
C GLU A 93 3.15 24.12 22.39
N MET A 94 3.72 23.66 23.50
CA MET A 94 4.24 24.60 24.48
C MET A 94 5.54 25.16 23.96
N ALA A 95 6.38 24.28 23.44
CA ALA A 95 7.66 24.69 22.89
C ALA A 95 7.40 25.68 21.79
N GLN A 96 6.32 25.47 21.04
CA GLN A 96 5.95 26.38 19.96
C GLN A 96 5.57 27.74 20.53
N LYS A 97 4.79 27.73 21.60
CA LYS A 97 4.39 28.99 22.20
C LYS A 97 5.63 29.75 22.68
N LEU A 98 6.50 29.04 23.39
CA LEU A 98 7.70 29.62 23.93
C LEU A 98 8.49 30.40 22.88
N LEU A 99 8.66 29.82 21.69
CA LEU A 99 9.37 30.47 20.60
C LEU A 99 8.75 31.80 20.15
N ASN A 100 7.44 31.83 19.95
CA ASN A 100 6.77 33.08 19.53
C ASN A 100 6.99 34.14 20.58
N SER A 101 7.10 33.68 21.82
CA SER A 101 7.34 34.54 22.95
C SER A 101 8.72 35.19 22.84
N ASP A 102 9.73 34.38 22.57
CA ASP A 102 11.09 34.87 22.44
C ASP A 102 11.21 35.87 21.32
N LEU A 103 10.50 35.66 20.22
CA LEU A 103 10.56 36.60 19.10
C LEU A 103 9.95 37.89 19.63
N GLY A 104 8.91 37.72 20.44
CA GLY A 104 8.26 38.87 21.04
C GLY A 104 9.27 39.67 21.85
N GLU A 105 9.97 39.03 22.79
CA GLU A 105 10.96 39.73 23.60
C GLU A 105 12.09 40.29 22.76
N LEU A 106 12.45 39.59 21.67
CA LEU A 106 13.53 40.06 20.83
C LEU A 106 13.10 41.30 20.06
N ILE A 107 11.88 41.27 19.53
CA ILE A 107 11.40 42.42 18.78
C ILE A 107 11.39 43.66 19.68
N ASN A 108 10.93 43.47 20.93
CA ASN A 108 10.87 44.52 21.95
C ASN A 108 12.21 45.19 22.17
N LYS A 109 13.22 44.41 22.54
CA LYS A 109 14.53 44.99 22.75
C LYS A 109 14.99 45.71 21.48
N MET A 110 14.69 45.15 20.31
CA MET A 110 15.13 45.78 19.05
C MET A 110 14.59 47.20 18.89
N LYS A 111 13.37 47.39 19.38
CA LYS A 111 12.71 48.68 19.29
C LYS A 111 13.35 49.60 20.30
N LEU A 112 13.55 49.12 21.52
CA LEU A 112 14.24 49.95 22.49
C LEU A 112 15.56 50.37 21.86
N ALA A 113 16.36 49.41 21.38
CA ALA A 113 17.64 49.73 20.74
C ALA A 113 17.53 50.87 19.71
N GLN A 114 16.50 50.83 18.86
CA GLN A 114 16.28 51.87 17.84
C GLN A 114 16.05 53.24 18.47
N GLN A 115 15.19 53.26 19.48
CA GLN A 115 14.84 54.46 20.22
C GLN A 115 16.08 55.14 20.79
N TYR A 116 16.92 54.36 21.46
CA TYR A 116 18.12 54.93 22.06
C TYR A 116 19.38 54.88 21.21
N VAL A 117 19.21 55.02 19.89
CA VAL A 117 20.38 54.99 19.03
C VAL A 117 21.16 56.27 19.28
N MET A 118 22.48 56.14 19.48
CA MET A 118 23.37 57.26 19.72
C MET A 118 23.37 57.71 21.18
N THR A 119 22.80 56.90 22.06
CA THR A 119 22.76 57.28 23.46
C THR A 119 23.57 56.34 24.35
N SER A 120 23.84 56.78 25.58
CA SER A 120 24.56 55.95 26.51
C SER A 120 23.78 54.66 26.82
N LEU A 121 22.55 54.52 26.32
CA LEU A 121 21.75 53.33 26.62
C LEU A 121 21.68 52.34 25.46
N GLN A 122 22.25 52.73 24.33
CA GLN A 122 22.29 51.93 23.11
C GLN A 122 22.92 50.55 23.28
N GLN A 123 24.03 50.49 24.01
CA GLN A 123 24.73 49.23 24.26
C GLN A 123 23.91 48.27 25.12
N GLU A 124 23.40 48.72 26.26
CA GLU A 124 22.63 47.79 27.08
C GLU A 124 21.43 47.24 26.34
N TYR A 125 21.01 47.92 25.27
CA TYR A 125 19.84 47.44 24.55
C TYR A 125 20.16 46.40 23.51
N LYS A 126 21.33 46.52 22.88
CA LYS A 126 21.78 45.51 21.95
C LYS A 126 22.14 44.25 22.77
N LYS A 127 22.73 44.43 23.95
CA LYS A 127 23.08 43.28 24.79
C LYS A 127 21.87 42.46 25.21
N GLN A 128 20.75 43.14 25.44
CA GLN A 128 19.54 42.43 25.83
C GLN A 128 19.03 41.77 24.56
N MET A 129 19.28 42.43 23.43
CA MET A 129 18.89 41.90 22.14
C MET A 129 19.58 40.55 21.95
N LEU A 130 20.88 40.52 22.17
CA LEU A 130 21.63 39.28 22.03
C LEU A 130 21.05 38.26 22.98
N THR A 131 20.71 38.68 24.18
CA THR A 131 20.13 37.74 25.12
C THR A 131 18.80 37.18 24.63
N ALA A 132 17.97 38.02 24.02
CA ALA A 132 16.70 37.55 23.52
C ALA A 132 16.90 36.58 22.36
N ALA A 133 17.75 36.96 21.41
CA ALA A 133 18.04 36.14 20.25
C ALA A 133 18.63 34.80 20.64
N HIS A 134 19.60 34.81 21.55
CA HIS A 134 20.24 33.58 22.01
C HIS A 134 19.18 32.66 22.63
N ALA A 135 18.33 33.20 23.47
CA ALA A 135 17.26 32.41 24.09
C ALA A 135 16.37 31.80 23.02
N LEU A 136 16.12 32.56 21.97
CA LEU A 136 15.29 32.10 20.89
C LEU A 136 15.92 30.83 20.31
N ALA A 137 17.22 30.92 20.01
CA ALA A 137 17.95 29.80 19.43
C ALA A 137 17.97 28.59 20.36
N VAL A 138 18.17 28.81 21.67
CA VAL A 138 18.22 27.72 22.63
C VAL A 138 16.86 27.04 22.64
N ASP A 139 15.80 27.85 22.59
CA ASP A 139 14.44 27.33 22.59
C ASP A 139 14.01 26.67 21.28
N ALA A 140 14.69 26.96 20.17
CA ALA A 140 14.36 26.33 18.91
C ALA A 140 15.03 24.95 18.91
N LYS A 141 16.22 24.88 19.52
CA LYS A 141 17.00 23.66 19.66
C LYS A 141 16.24 22.69 20.55
N ASN A 142 15.63 23.21 21.62
CA ASN A 142 14.88 22.32 22.47
C ASN A 142 13.64 21.81 21.77
N LEU A 143 13.09 22.60 20.86
CA LEU A 143 11.89 22.15 20.15
C LEU A 143 12.35 21.05 19.24
N LEU A 144 13.52 21.21 18.62
CA LEU A 144 14.03 20.17 17.74
C LEU A 144 14.21 18.90 18.57
N ASP A 145 14.61 19.05 19.83
CA ASP A 145 14.81 17.91 20.70
C ASP A 145 13.50 17.25 21.07
N VAL A 146 12.49 18.04 21.39
CA VAL A 146 11.19 17.45 21.71
C VAL A 146 10.61 16.71 20.51
N ILE A 147 10.70 17.31 19.34
CA ILE A 147 10.16 16.70 18.14
C ILE A 147 10.92 15.47 17.71
N ASP A 148 12.23 15.44 17.97
CA ASP A 148 13.04 14.27 17.63
C ASP A 148 12.60 13.12 18.49
N GLN A 149 12.41 13.37 19.78
CA GLN A 149 11.96 12.33 20.69
C GLN A 149 10.58 11.76 20.29
N ALA A 150 9.71 12.59 19.71
CA ALA A 150 8.40 12.11 19.30
C ALA A 150 8.53 11.27 18.04
N ARG A 151 9.57 11.50 17.25
CA ARG A 151 9.76 10.72 16.03
C ARG A 151 10.33 9.38 16.43
N LEU A 152 11.14 9.37 17.49
CA LEU A 152 11.73 8.13 17.96
C LEU A 152 10.63 7.25 18.52
N LYS A 153 9.66 7.85 19.20
CA LYS A 153 8.54 7.10 19.74
C LYS A 153 7.68 6.52 18.62
N MET A 154 7.65 7.19 17.46
CA MET A 154 6.82 6.70 16.36
C MET A 154 7.54 5.65 15.59
N LEU A 155 8.77 5.99 15.21
CA LEU A 155 9.60 5.10 14.44
C LEU A 155 9.85 3.82 15.19
N GLY A 156 9.58 3.87 16.49
CA GLY A 156 9.71 2.71 17.36
C GLY A 156 11.06 2.29 17.88
N GLN A 157 11.81 3.21 18.45
CA GLN A 157 13.11 2.87 18.97
C GLN A 157 13.08 2.21 20.35
N THR A 158 14.02 1.29 20.54
CA THR A 158 14.16 0.52 21.78
C THR A 158 14.67 1.25 23.06
N ILE B 18 9.17 -17.00 2.70
CA ILE B 18 8.87 -16.85 4.14
C ILE B 18 9.79 -15.78 4.75
N SER B 19 9.27 -14.98 5.67
CA SER B 19 10.09 -13.99 6.34
C SER B 19 10.13 -14.27 7.85
N PRO B 20 11.16 -13.77 8.52
CA PRO B 20 11.32 -13.98 9.95
C PRO B 20 10.30 -13.18 10.75
N PRO B 21 10.11 -13.57 12.02
CA PRO B 21 9.15 -12.82 12.82
C PRO B 21 9.61 -11.36 12.78
N PRO B 22 8.68 -10.40 12.97
CA PRO B 22 9.03 -8.99 12.93
C PRO B 22 10.24 -8.73 13.82
N THR B 23 11.11 -7.85 13.39
CA THR B 23 12.30 -7.57 14.17
C THR B 23 11.97 -7.26 15.61
N ALA B 24 12.91 -7.58 16.49
CA ALA B 24 12.75 -7.33 17.90
C ALA B 24 13.41 -6.01 18.32
N ASN B 25 14.06 -5.33 17.38
CA ASN B 25 14.73 -4.05 17.63
C ASN B 25 13.81 -2.86 17.45
N LEU B 26 12.50 -3.04 17.58
CA LEU B 26 11.59 -1.92 17.46
C LEU B 26 10.50 -2.05 18.49
N ASP B 27 10.22 -0.97 19.21
CA ASP B 27 9.17 -1.00 20.22
C ASP B 27 7.82 -1.06 19.50
N ARG B 28 6.95 -1.96 19.94
CA ARG B 28 5.67 -2.11 19.27
C ARG B 28 4.47 -1.54 20.00
N SER B 29 4.71 -0.89 21.14
CA SER B 29 3.64 -0.30 21.92
C SER B 29 3.12 0.96 21.24
N ASN B 30 3.91 1.56 20.35
CA ASN B 30 3.49 2.77 19.65
C ASN B 30 3.39 2.48 18.15
N ASP B 31 3.24 1.21 17.79
CA ASP B 31 3.20 0.84 16.38
C ASP B 31 1.78 0.60 15.92
N LYS B 32 1.25 1.53 15.13
CA LYS B 32 -0.11 1.40 14.68
C LYS B 32 -0.18 0.61 13.39
N VAL B 33 0.95 0.56 12.68
CA VAL B 33 1.07 -0.21 11.47
C VAL B 33 0.95 -1.68 11.94
N TYR B 34 1.78 -2.06 12.90
CA TYR B 34 1.82 -3.40 13.48
C TYR B 34 0.41 -3.82 13.93
N GLU B 35 -0.21 -2.92 14.67
CA GLU B 35 -1.56 -3.10 15.21
C GLU B 35 -2.62 -3.29 14.15
N ASN B 36 -2.51 -2.52 13.07
CA ASN B 36 -3.47 -2.64 11.99
C ASN B 36 -3.20 -3.87 11.14
N VAL B 37 -1.92 -4.29 11.00
CA VAL B 37 -1.63 -5.50 10.24
C VAL B 37 -2.29 -6.63 11.05
N THR B 38 -2.07 -6.63 12.37
CA THR B 38 -2.67 -7.63 13.25
C THR B 38 -4.18 -7.63 13.09
N GLY B 39 -4.77 -6.44 13.15
CA GLY B 39 -6.22 -6.34 12.98
C GLY B 39 -6.69 -6.92 11.66
N LEU B 40 -5.86 -6.79 10.62
CA LEU B 40 -6.22 -7.27 9.29
C LEU B 40 -6.03 -8.74 9.18
N VAL B 41 -4.96 -9.24 9.78
CA VAL B 41 -4.77 -10.65 9.66
C VAL B 41 -5.85 -11.34 10.49
N LYS B 42 -6.28 -10.74 11.61
CA LYS B 42 -7.33 -11.39 12.40
C LYS B 42 -8.65 -11.41 11.66
N ALA B 43 -8.99 -10.32 11.00
CA ALA B 43 -10.22 -10.28 10.23
C ALA B 43 -10.17 -11.38 9.17
N VAL B 44 -9.00 -11.64 8.60
CA VAL B 44 -8.89 -12.70 7.59
C VAL B 44 -9.07 -14.07 8.27
N ILE B 45 -8.42 -14.28 9.41
CA ILE B 45 -8.56 -15.54 10.16
C ILE B 45 -10.01 -15.81 10.56
N GLU B 46 -10.73 -14.76 10.97
CA GLU B 46 -12.12 -14.84 11.34
C GLU B 46 -12.91 -15.31 10.13
N MET B 47 -12.84 -14.54 9.04
CA MET B 47 -13.57 -14.92 7.84
C MET B 47 -13.30 -16.36 7.39
N SER B 48 -12.05 -16.79 7.40
CA SER B 48 -11.73 -18.13 6.92
C SER B 48 -12.02 -19.25 7.91
N SER B 49 -12.48 -18.91 9.11
CA SER B 49 -12.81 -19.96 10.07
C SER B 49 -14.33 -20.14 10.05
N LYS B 50 -15.06 -19.06 9.74
CA LYS B 50 -16.51 -19.10 9.70
C LYS B 50 -17.09 -19.32 8.30
N ILE B 51 -16.28 -19.23 7.27
CA ILE B 51 -16.82 -19.29 5.92
C ILE B 51 -17.44 -20.53 5.30
N GLN B 52 -16.95 -21.70 5.63
CA GLN B 52 -17.49 -22.91 5.02
C GLN B 52 -19.02 -23.05 5.05
N PRO B 53 -19.64 -22.97 6.24
CA PRO B 53 -21.10 -23.09 6.37
C PRO B 53 -21.90 -21.77 6.19
N ALA B 54 -21.20 -20.64 6.14
CA ALA B 54 -21.85 -19.32 6.03
C ALA B 54 -22.60 -19.03 4.73
N PRO B 55 -23.71 -18.24 4.83
CA PRO B 55 -24.51 -17.87 3.65
C PRO B 55 -24.03 -16.47 3.23
N PRO B 56 -24.58 -15.88 2.15
CA PRO B 56 -24.17 -14.54 1.69
C PRO B 56 -24.42 -13.45 2.75
N GLU B 57 -25.50 -13.58 3.50
CA GLU B 57 -25.80 -12.60 4.53
C GLU B 57 -24.62 -12.55 5.48
N GLU B 58 -24.02 -13.71 5.77
CA GLU B 58 -22.88 -13.78 6.69
C GLU B 58 -21.53 -13.40 6.13
N TYR B 59 -21.10 -14.05 5.04
CA TYR B 59 -19.78 -13.77 4.53
C TYR B 59 -19.60 -12.44 3.79
N VAL B 60 -20.66 -11.80 3.34
CA VAL B 60 -20.43 -10.53 2.69
C VAL B 60 -19.90 -9.54 3.74
N PRO B 61 -20.50 -9.53 4.94
CA PRO B 61 -20.03 -8.61 5.98
C PRO B 61 -18.63 -9.04 6.47
N MET B 62 -18.32 -10.33 6.35
CA MET B 62 -17.01 -10.80 6.78
C MET B 62 -15.94 -10.18 5.86
N VAL B 63 -16.28 -10.01 4.60
CA VAL B 63 -15.32 -9.40 3.69
C VAL B 63 -15.30 -7.89 3.94
N LYS B 64 -16.45 -7.31 4.28
CA LYS B 64 -16.54 -5.87 4.53
C LYS B 64 -15.52 -5.56 5.59
N GLU B 65 -15.60 -6.33 6.67
CA GLU B 65 -14.68 -6.19 7.77
C GLU B 65 -13.23 -6.27 7.33
N VAL B 66 -12.91 -7.15 6.39
CA VAL B 66 -11.54 -7.27 5.89
C VAL B 66 -11.15 -5.98 5.17
N GLY B 67 -12.09 -5.42 4.39
CA GLY B 67 -11.85 -4.18 3.68
C GLY B 67 -11.64 -3.06 4.67
N LEU B 68 -12.52 -2.92 5.66
CA LEU B 68 -12.36 -1.85 6.66
C LEU B 68 -10.98 -1.94 7.27
N ALA B 69 -10.59 -3.16 7.62
CA ALA B 69 -9.30 -3.39 8.23
C ALA B 69 -8.18 -2.91 7.31
N LEU B 70 -8.31 -3.21 6.02
CA LEU B 70 -7.29 -2.82 5.07
C LEU B 70 -7.25 -1.31 4.87
N ARG B 71 -8.43 -0.68 4.85
CA ARG B 71 -8.48 0.78 4.65
C ARG B 71 -7.77 1.49 5.79
N THR B 72 -8.08 1.08 7.02
CA THR B 72 -7.44 1.62 8.20
C THR B 72 -5.94 1.47 8.05
N LEU B 73 -5.51 0.28 7.64
CA LEU B 73 -4.10 -0.02 7.49
C LEU B 73 -3.46 0.96 6.54
N LEU B 74 -4.05 1.09 5.34
CA LEU B 74 -3.52 1.98 4.31
C LEU B 74 -3.48 3.43 4.76
N ALA B 75 -4.55 3.88 5.42
CA ALA B 75 -4.56 5.23 5.94
C ALA B 75 -3.33 5.41 6.83
N THR B 76 -3.19 4.55 7.85
CA THR B 76 -2.04 4.60 8.75
C THR B 76 -0.70 4.60 8.03
N VAL B 77 -0.54 3.77 7.01
CA VAL B 77 0.72 3.74 6.28
C VAL B 77 0.96 5.12 5.66
N ASP B 78 -0.09 5.68 5.09
CA ASP B 78 -0.02 6.99 4.46
C ASP B 78 0.60 8.01 5.41
N GLU B 79 0.11 8.02 6.64
CA GLU B 79 0.58 8.93 7.67
C GLU B 79 1.89 8.51 8.29
N THR B 80 2.60 7.56 7.68
CA THR B 80 3.87 7.11 8.22
C THR B 80 4.96 7.44 7.24
N ILE B 81 4.69 7.24 5.96
CA ILE B 81 5.67 7.49 4.90
C ILE B 81 6.51 8.76 5.15
N PRO B 82 5.85 9.87 5.54
CA PRO B 82 6.56 11.12 5.80
C PRO B 82 7.72 10.98 6.80
N LEU B 83 7.55 10.23 7.88
CA LEU B 83 8.63 10.09 8.83
C LEU B 83 9.72 9.16 8.32
N LEU B 84 9.50 8.54 7.17
CA LEU B 84 10.48 7.60 6.66
C LEU B 84 11.35 8.18 5.56
N PRO B 85 12.54 7.61 5.35
CA PRO B 85 13.46 8.08 4.32
C PRO B 85 12.77 8.16 2.97
N ALA B 86 12.99 9.25 2.26
CA ALA B 86 12.37 9.39 0.96
C ALA B 86 12.77 8.22 0.08
N SER B 87 13.99 7.71 0.28
CA SER B 87 14.45 6.60 -0.56
C SER B 87 13.65 5.30 -0.42
N THR B 88 12.75 5.25 0.55
CA THR B 88 11.96 4.04 0.78
C THR B 88 10.51 4.21 0.37
N HIS B 89 10.08 5.46 0.18
CA HIS B 89 8.71 5.73 -0.19
C HIS B 89 8.21 4.96 -1.40
N ARG B 90 9.09 4.64 -2.34
CA ARG B 90 8.64 3.93 -3.52
C ARG B 90 8.23 2.48 -3.25
N GLU B 91 9.09 1.70 -2.58
CA GLU B 91 8.77 0.30 -2.29
C GLU B 91 7.50 0.22 -1.44
N ILE B 92 7.33 1.16 -0.53
CA ILE B 92 6.14 1.19 0.31
C ILE B 92 4.91 1.55 -0.48
N GLU B 93 5.05 2.48 -1.40
CA GLU B 93 3.92 2.90 -2.23
C GLU B 93 3.50 1.74 -3.11
N MET B 94 4.44 0.88 -3.43
CA MET B 94 4.16 -0.27 -4.29
C MET B 94 3.47 -1.35 -3.48
N ALA B 95 3.96 -1.58 -2.27
CA ALA B 95 3.40 -2.58 -1.38
C ALA B 95 1.93 -2.22 -1.14
N GLN B 96 1.65 -0.93 -1.03
CA GLN B 96 0.28 -0.49 -0.80
C GLN B 96 -0.63 -0.78 -1.97
N LYS B 97 -0.16 -0.57 -3.20
CA LYS B 97 -0.99 -0.84 -4.39
C LYS B 97 -1.22 -2.35 -4.51
N LEU B 98 -0.21 -3.13 -4.11
CA LEU B 98 -0.33 -4.58 -4.16
C LEU B 98 -1.48 -5.05 -3.26
N LEU B 99 -1.65 -4.42 -2.10
CA LEU B 99 -2.73 -4.82 -1.21
C LEU B 99 -4.09 -4.42 -1.76
N ASN B 100 -4.18 -3.23 -2.33
CA ASN B 100 -5.46 -2.80 -2.89
C ASN B 100 -5.96 -3.76 -3.94
N SER B 101 -5.05 -4.37 -4.69
CA SER B 101 -5.46 -5.31 -5.72
C SER B 101 -5.84 -6.63 -5.06
N ASP B 102 -5.10 -7.04 -4.03
CA ASP B 102 -5.41 -8.28 -3.33
C ASP B 102 -6.83 -8.17 -2.80
N LEU B 103 -7.21 -6.99 -2.30
CA LEU B 103 -8.57 -6.85 -1.81
C LEU B 103 -9.48 -6.95 -3.02
N GLY B 104 -9.07 -6.34 -4.13
CA GLY B 104 -9.88 -6.36 -5.34
C GLY B 104 -10.24 -7.76 -5.80
N GLU B 105 -9.27 -8.66 -5.72
CA GLU B 105 -9.47 -10.04 -6.12
C GLU B 105 -10.39 -10.76 -5.12
N LEU B 106 -10.31 -10.41 -3.82
CA LEU B 106 -11.17 -11.03 -2.82
C LEU B 106 -12.61 -10.62 -3.05
N ILE B 107 -12.83 -9.37 -3.44
CA ILE B 107 -14.19 -8.91 -3.69
C ILE B 107 -14.77 -9.55 -4.95
N ASN B 108 -13.92 -9.77 -5.95
CA ASN B 108 -14.33 -10.39 -7.21
C ASN B 108 -14.92 -11.75 -6.92
N LYS B 109 -14.10 -12.58 -6.29
CA LYS B 109 -14.43 -13.95 -5.91
C LYS B 109 -15.65 -13.97 -4.99
N MET B 110 -15.77 -12.97 -4.10
CA MET B 110 -16.91 -12.90 -3.19
C MET B 110 -18.20 -12.75 -4.01
N LYS B 111 -18.21 -11.78 -4.92
CA LYS B 111 -19.37 -11.53 -5.76
C LYS B 111 -19.76 -12.77 -6.55
N LEU B 112 -18.77 -13.52 -6.97
CA LEU B 112 -19.02 -14.74 -7.72
C LEU B 112 -19.70 -15.71 -6.79
N ALA B 113 -19.18 -15.83 -5.57
CA ALA B 113 -19.76 -16.71 -4.58
C ALA B 113 -21.23 -16.32 -4.39
N GLN B 114 -21.50 -15.02 -4.22
CA GLN B 114 -22.88 -14.53 -4.04
C GLN B 114 -23.74 -15.02 -5.18
N GLN B 115 -23.30 -14.70 -6.39
CA GLN B 115 -24.01 -15.06 -7.61
C GLN B 115 -24.35 -16.54 -7.64
N TYR B 116 -23.39 -17.38 -7.29
CA TYR B 116 -23.65 -18.80 -7.34
C TYR B 116 -24.09 -19.50 -6.09
N VAL B 117 -24.75 -18.75 -5.21
CA VAL B 117 -25.29 -19.35 -4.02
C VAL B 117 -26.30 -20.33 -4.64
N MET B 118 -26.73 -21.33 -3.90
CA MET B 118 -27.68 -22.33 -4.43
C MET B 118 -27.06 -23.29 -5.43
N THR B 119 -25.78 -23.10 -5.76
CA THR B 119 -25.14 -23.99 -6.73
C THR B 119 -23.86 -24.60 -6.21
N SER B 120 -23.39 -25.59 -6.97
CA SER B 120 -22.17 -26.32 -6.67
C SER B 120 -20.95 -25.39 -6.55
N LEU B 121 -20.96 -24.30 -7.31
CA LEU B 121 -19.87 -23.34 -7.32
C LEU B 121 -19.73 -22.42 -6.10
N GLN B 122 -20.73 -22.43 -5.21
CA GLN B 122 -20.71 -21.62 -3.98
C GLN B 122 -19.45 -22.01 -3.21
N GLN B 123 -19.24 -23.31 -3.06
CA GLN B 123 -18.10 -23.78 -2.30
C GLN B 123 -16.77 -23.61 -2.99
N GLU B 124 -16.77 -23.62 -4.31
CA GLU B 124 -15.54 -23.45 -5.07
C GLU B 124 -15.08 -22.01 -4.97
N TYR B 125 -15.98 -21.08 -5.21
CA TYR B 125 -15.61 -19.69 -5.11
C TYR B 125 -15.30 -19.34 -3.67
N LYS B 126 -15.82 -20.09 -2.69
CA LYS B 126 -15.54 -19.79 -1.30
C LYS B 126 -14.10 -20.15 -1.03
N LYS B 127 -13.60 -21.17 -1.70
CA LYS B 127 -12.23 -21.56 -1.52
C LYS B 127 -11.35 -20.46 -2.12
N GLN B 128 -11.81 -19.89 -3.22
CA GLN B 128 -11.06 -18.84 -3.86
C GLN B 128 -10.99 -17.57 -3.01
N MET B 129 -12.05 -17.31 -2.26
CA MET B 129 -12.09 -16.14 -1.38
C MET B 129 -11.04 -16.35 -0.32
N LEU B 130 -10.91 -17.60 0.12
CA LEU B 130 -9.92 -17.94 1.15
C LEU B 130 -8.55 -17.69 0.62
N THR B 131 -8.31 -18.11 -0.61
CA THR B 131 -7.01 -17.90 -1.22
C THR B 131 -6.74 -16.41 -1.32
N ALA B 132 -7.72 -15.67 -1.81
CA ALA B 132 -7.56 -14.23 -1.96
C ALA B 132 -7.19 -13.62 -0.62
N ALA B 133 -8.04 -13.90 0.37
CA ALA B 133 -7.83 -13.37 1.70
C ALA B 133 -6.47 -13.74 2.28
N HIS B 134 -6.01 -14.96 2.01
CA HIS B 134 -4.72 -15.38 2.52
C HIS B 134 -3.58 -14.56 1.88
N ALA B 135 -3.68 -14.29 0.58
CA ALA B 135 -2.69 -13.47 -0.14
C ALA B 135 -2.62 -12.09 0.50
N LEU B 136 -3.79 -11.49 0.76
CA LEU B 136 -3.91 -10.18 1.40
C LEU B 136 -3.23 -10.18 2.78
N ALA B 137 -3.43 -11.21 3.60
CA ALA B 137 -2.79 -11.25 4.90
C ALA B 137 -1.28 -11.34 4.78
N VAL B 138 -0.80 -12.21 3.90
CA VAL B 138 0.62 -12.40 3.71
C VAL B 138 1.27 -11.13 3.21
N ASP B 139 0.58 -10.44 2.32
CA ASP B 139 1.10 -9.19 1.80
C ASP B 139 1.05 -8.07 2.82
N ALA B 140 0.11 -8.14 3.76
CA ALA B 140 0.04 -7.10 4.78
C ALA B 140 1.26 -7.28 5.68
N LYS B 141 1.68 -8.52 5.88
CA LYS B 141 2.85 -8.78 6.71
C LYS B 141 4.14 -8.41 5.99
N ASN B 142 4.13 -8.50 4.66
CA ASN B 142 5.32 -8.12 3.92
C ASN B 142 5.46 -6.61 3.96
N LEU B 143 4.34 -5.91 4.03
CA LEU B 143 4.33 -4.45 4.08
C LEU B 143 4.97 -4.04 5.37
N LEU B 144 4.57 -4.72 6.43
CA LEU B 144 5.08 -4.48 7.76
C LEU B 144 6.57 -4.70 7.78
N ASP B 145 7.04 -5.76 7.14
CA ASP B 145 8.48 -5.99 7.16
C ASP B 145 9.27 -4.91 6.41
N VAL B 146 8.66 -4.31 5.39
CA VAL B 146 9.28 -3.24 4.61
C VAL B 146 9.31 -1.98 5.47
N ILE B 147 8.15 -1.58 5.96
CA ILE B 147 8.07 -0.41 6.81
C ILE B 147 9.01 -0.51 8.02
N ASP B 148 9.27 -1.73 8.47
CA ASP B 148 10.16 -1.92 9.62
C ASP B 148 11.57 -1.75 9.15
N GLN B 149 11.87 -2.20 7.93
CA GLN B 149 13.20 -2.06 7.36
C GLN B 149 13.51 -0.59 7.22
N ALA B 150 12.48 0.18 6.85
CA ALA B 150 12.50 1.62 6.64
C ALA B 150 12.74 2.36 7.93
N ARG B 151 11.99 2.02 8.97
CA ARG B 151 12.15 2.65 10.28
C ARG B 151 13.59 2.47 10.77
N LEU B 152 14.19 1.33 10.48
CA LEU B 152 15.54 1.10 10.96
C LEU B 152 16.59 1.94 10.25
N LYS B 153 16.37 2.21 8.96
CA LYS B 153 17.26 3.06 8.17
C LYS B 153 17.14 4.48 8.79
N MET B 154 15.90 4.90 9.04
CA MET B 154 15.64 6.21 9.63
C MET B 154 16.26 6.38 10.99
N LEU B 155 16.32 5.30 11.76
CA LEU B 155 16.91 5.34 13.08
C LEU B 155 18.40 5.18 12.94
N GLY B 156 18.84 4.98 11.71
CA GLY B 156 20.26 4.81 11.44
C GLY B 156 20.85 3.57 12.06
N ILE C 18 -8.08 -35.09 -6.85
CA ILE C 18 -7.34 -35.47 -8.10
C ILE C 18 -7.99 -36.57 -8.95
N SER C 19 -8.05 -36.35 -10.25
CA SER C 19 -8.66 -37.35 -11.13
C SER C 19 -7.63 -38.30 -11.74
N PRO C 20 -8.09 -39.50 -12.15
CA PRO C 20 -7.17 -40.47 -12.76
C PRO C 20 -7.13 -40.10 -14.24
N PRO C 21 -6.14 -40.62 -14.98
CA PRO C 21 -6.02 -40.31 -16.40
C PRO C 21 -7.36 -40.49 -17.12
N PRO C 22 -7.63 -39.66 -18.14
CA PRO C 22 -8.91 -39.81 -18.85
C PRO C 22 -9.21 -41.27 -19.09
N THR C 23 -10.49 -41.66 -19.02
CA THR C 23 -10.83 -43.07 -19.18
C THR C 23 -10.48 -43.62 -20.54
N ALA C 24 -9.99 -44.85 -20.52
CA ALA C 24 -9.58 -45.56 -21.72
C ALA C 24 -10.80 -46.13 -22.44
N ASN C 25 -11.86 -46.37 -21.68
CA ASN C 25 -13.08 -46.95 -22.23
C ASN C 25 -13.90 -46.02 -23.16
N LEU C 26 -13.28 -45.00 -23.74
CA LEU C 26 -13.95 -44.07 -24.67
C LEU C 26 -13.04 -43.71 -25.85
N ASP C 27 -13.55 -43.76 -27.06
CA ASP C 27 -12.71 -43.47 -28.23
C ASP C 27 -12.54 -41.98 -28.48
N ARG C 28 -11.28 -41.53 -28.46
CA ARG C 28 -10.94 -40.11 -28.66
C ARG C 28 -10.68 -39.70 -30.09
N SER C 29 -10.98 -40.57 -31.03
CA SER C 29 -10.73 -40.25 -32.44
C SER C 29 -11.48 -39.07 -32.91
N ASN C 30 -12.72 -38.96 -32.44
CA ASN C 30 -13.58 -37.88 -32.86
C ASN C 30 -14.08 -37.02 -31.71
N ASP C 31 -13.30 -37.02 -30.62
CA ASP C 31 -13.62 -36.24 -29.44
C ASP C 31 -13.04 -34.83 -29.55
N LYS C 32 -13.83 -33.90 -30.08
CA LYS C 32 -13.38 -32.52 -30.23
C LYS C 32 -13.21 -31.86 -28.86
N VAL C 33 -13.89 -32.35 -27.82
CA VAL C 33 -13.70 -31.75 -26.50
C VAL C 33 -12.27 -32.04 -25.99
N TYR C 34 -11.84 -33.28 -26.18
CA TYR C 34 -10.51 -33.75 -25.78
C TYR C 34 -9.44 -32.97 -26.57
N GLU C 35 -9.75 -32.68 -27.82
CA GLU C 35 -8.84 -31.93 -28.68
C GLU C 35 -8.79 -30.47 -28.23
N ASN C 36 -9.97 -29.89 -28.04
CA ASN C 36 -10.05 -28.51 -27.62
C ASN C 36 -9.49 -28.26 -26.24
N VAL C 37 -9.62 -29.23 -25.34
CA VAL C 37 -9.05 -29.06 -24.00
C VAL C 37 -7.54 -29.05 -24.20
N THR C 38 -7.04 -30.05 -24.92
CA THR C 38 -5.62 -30.16 -25.22
C THR C 38 -5.12 -28.86 -25.83
N GLY C 39 -5.94 -28.25 -26.68
CA GLY C 39 -5.55 -27.01 -27.30
C GLY C 39 -5.41 -25.91 -26.28
N LEU C 40 -6.41 -25.77 -25.41
CA LEU C 40 -6.40 -24.76 -24.36
C LEU C 40 -5.26 -25.02 -23.43
N VAL C 41 -5.11 -26.24 -22.93
CA VAL C 41 -4.01 -26.47 -22.03
C VAL C 41 -2.73 -25.99 -22.67
N LYS C 42 -2.52 -26.37 -23.93
CA LYS C 42 -1.35 -26.00 -24.71
C LYS C 42 -1.16 -24.48 -24.89
N ALA C 43 -2.21 -23.75 -25.24
CA ALA C 43 -2.08 -22.30 -25.41
C ALA C 43 -1.65 -21.65 -24.10
N VAL C 44 -2.06 -22.25 -22.99
CA VAL C 44 -1.71 -21.77 -21.66
C VAL C 44 -0.21 -22.00 -21.43
N ILE C 45 0.26 -23.17 -21.80
CA ILE C 45 1.65 -23.53 -21.64
C ILE C 45 2.55 -22.68 -22.55
N GLU C 46 1.98 -22.19 -23.65
CA GLU C 46 2.74 -21.35 -24.58
C GLU C 46 3.00 -20.00 -23.89
N MET C 47 2.03 -19.55 -23.09
CA MET C 47 2.15 -18.32 -22.34
C MET C 47 2.96 -18.61 -21.07
N SER C 48 2.68 -19.75 -20.44
CA SER C 48 3.35 -20.12 -19.20
C SER C 48 4.87 -20.22 -19.31
N SER C 49 5.38 -20.71 -20.44
CA SER C 49 6.82 -20.86 -20.63
C SER C 49 7.50 -19.74 -21.40
N LYS C 50 6.69 -18.87 -21.99
CA LYS C 50 7.20 -17.73 -22.74
C LYS C 50 7.19 -16.49 -21.83
N ILE C 51 6.11 -15.70 -21.93
CA ILE C 51 5.85 -14.45 -21.18
C ILE C 51 6.83 -13.75 -20.22
N GLN C 52 7.46 -14.47 -19.28
CA GLN C 52 8.39 -13.84 -18.35
C GLN C 52 9.09 -12.68 -19.06
N PRO C 53 9.88 -12.99 -20.14
CA PRO C 53 10.58 -11.95 -20.89
C PRO C 53 9.70 -10.81 -21.43
N ALA C 54 9.03 -11.12 -22.52
CA ALA C 54 8.12 -10.20 -23.24
C ALA C 54 7.37 -9.11 -22.49
N PRO C 55 7.23 -7.94 -23.14
CA PRO C 55 6.53 -6.74 -22.63
C PRO C 55 5.04 -6.79 -23.06
N PRO C 56 4.26 -5.72 -22.82
CA PRO C 56 2.84 -5.70 -23.20
C PRO C 56 2.52 -5.76 -24.71
N GLU C 57 3.53 -5.56 -25.56
CA GLU C 57 3.28 -5.64 -27.02
C GLU C 57 3.33 -7.11 -27.41
N GLU C 58 3.53 -7.97 -26.41
CA GLU C 58 3.69 -9.38 -26.69
C GLU C 58 2.87 -10.41 -25.87
N TYR C 59 2.47 -10.09 -24.63
CA TYR C 59 1.62 -11.03 -23.90
C TYR C 59 0.13 -10.66 -24.07
N VAL C 60 -0.17 -9.39 -24.37
CA VAL C 60 -1.56 -9.00 -24.54
C VAL C 60 -2.23 -9.90 -25.59
N PRO C 61 -1.47 -10.37 -26.61
CA PRO C 61 -2.04 -11.26 -27.62
C PRO C 61 -1.88 -12.70 -27.11
N MET C 62 -0.74 -13.01 -26.49
CA MET C 62 -0.46 -14.35 -25.91
C MET C 62 -1.61 -14.78 -25.00
N VAL C 63 -2.41 -13.80 -24.56
CA VAL C 63 -3.58 -14.01 -23.72
C VAL C 63 -4.75 -14.13 -24.69
N LYS C 64 -4.82 -13.18 -25.62
CA LYS C 64 -5.87 -13.19 -26.63
C LYS C 64 -5.99 -14.60 -27.23
N GLU C 65 -4.86 -15.32 -27.24
CA GLU C 65 -4.77 -16.69 -27.74
C GLU C 65 -5.52 -17.64 -26.83
N VAL C 66 -5.04 -17.78 -25.60
CA VAL C 66 -5.68 -18.63 -24.58
C VAL C 66 -7.17 -18.28 -24.49
N GLY C 67 -7.51 -17.04 -24.82
CA GLY C 67 -8.89 -16.60 -24.78
C GLY C 67 -9.70 -17.14 -25.96
N LEU C 68 -9.03 -17.26 -27.10
CA LEU C 68 -9.63 -17.77 -28.34
C LEU C 68 -9.76 -19.30 -28.27
N ALA C 69 -8.76 -19.94 -27.64
CA ALA C 69 -8.73 -21.39 -27.48
C ALA C 69 -9.79 -21.86 -26.50
N LEU C 70 -10.22 -20.97 -25.62
CA LEU C 70 -11.25 -21.28 -24.63
C LEU C 70 -12.61 -21.03 -25.26
N ARG C 71 -12.66 -20.03 -26.12
CA ARG C 71 -13.90 -19.72 -26.80
C ARG C 71 -14.32 -20.98 -27.57
N THR C 72 -13.35 -21.58 -28.25
CA THR C 72 -13.52 -22.81 -29.04
C THR C 72 -13.97 -23.97 -28.16
N LEU C 73 -13.27 -24.19 -27.04
CA LEU C 73 -13.60 -25.29 -26.16
C LEU C 73 -15.00 -25.16 -25.65
N LEU C 74 -15.36 -23.94 -25.27
CA LEU C 74 -16.69 -23.68 -24.73
C LEU C 74 -17.71 -23.92 -25.82
N ALA C 75 -17.37 -23.48 -27.04
CA ALA C 75 -18.24 -23.67 -28.20
C ALA C 75 -18.52 -25.16 -28.43
N THR C 76 -17.48 -25.99 -28.40
CA THR C 76 -17.62 -27.42 -28.59
C THR C 76 -18.40 -28.07 -27.47
N VAL C 77 -18.17 -27.67 -26.23
CA VAL C 77 -18.92 -28.28 -25.16
C VAL C 77 -20.40 -27.94 -25.37
N ASP C 78 -20.66 -26.77 -25.94
CA ASP C 78 -22.04 -26.36 -26.21
C ASP C 78 -22.71 -27.29 -27.21
N GLU C 79 -21.96 -27.78 -28.19
CA GLU C 79 -22.51 -28.71 -29.18
C GLU C 79 -22.57 -30.13 -28.64
N THR C 80 -21.84 -30.41 -27.57
CA THR C 80 -21.82 -31.75 -27.03
C THR C 80 -22.82 -32.02 -25.92
N ILE C 81 -23.18 -31.00 -25.16
CA ILE C 81 -24.12 -31.19 -24.06
C ILE C 81 -25.49 -31.75 -24.47
N PRO C 82 -26.07 -31.22 -25.56
CA PRO C 82 -27.38 -31.70 -26.03
C PRO C 82 -27.53 -33.20 -25.90
N LEU C 83 -26.53 -33.89 -26.46
CA LEU C 83 -26.44 -35.34 -26.48
C LEU C 83 -26.37 -36.11 -25.15
N LEU C 84 -25.80 -35.54 -24.10
CA LEU C 84 -25.66 -36.31 -22.87
C LEU C 84 -26.92 -36.33 -22.03
N PRO C 85 -27.00 -37.24 -21.05
CA PRO C 85 -28.18 -37.32 -20.18
C PRO C 85 -28.59 -35.94 -19.71
N ALA C 86 -29.89 -35.73 -19.52
CA ALA C 86 -30.37 -34.43 -19.08
C ALA C 86 -29.80 -34.09 -17.73
N SER C 87 -29.89 -35.06 -16.81
CA SER C 87 -29.44 -34.89 -15.42
C SER C 87 -28.06 -34.32 -15.29
N THR C 88 -27.16 -34.76 -16.17
CA THR C 88 -25.79 -34.30 -16.11
C THR C 88 -25.45 -32.95 -16.75
N HIS C 89 -26.41 -32.26 -17.36
CA HIS C 89 -26.05 -30.99 -18.00
C HIS C 89 -25.67 -29.90 -17.04
N ARG C 90 -26.08 -30.04 -15.79
CA ARG C 90 -25.82 -29.02 -14.78
C ARG C 90 -24.36 -28.96 -14.31
N GLU C 91 -23.76 -30.10 -13.96
CA GLU C 91 -22.37 -30.13 -13.50
C GLU C 91 -21.49 -29.60 -14.66
N ILE C 92 -21.88 -29.93 -15.88
CA ILE C 92 -21.10 -29.50 -17.04
C ILE C 92 -21.24 -28.03 -17.35
N GLU C 93 -22.40 -27.47 -17.07
CA GLU C 93 -22.60 -26.06 -17.37
C GLU C 93 -21.85 -25.29 -16.31
N MET C 94 -21.87 -25.85 -15.10
CA MET C 94 -21.18 -25.26 -13.97
C MET C 94 -19.65 -25.27 -14.20
N ALA C 95 -19.12 -26.41 -14.67
CA ALA C 95 -17.70 -26.57 -14.99
C ALA C 95 -17.30 -25.52 -16.03
N GLN C 96 -18.19 -25.23 -16.96
CA GLN C 96 -17.91 -24.20 -17.96
C GLN C 96 -17.88 -22.78 -17.38
N LYS C 97 -18.81 -22.49 -16.47
CA LYS C 97 -18.84 -21.16 -15.91
C LYS C 97 -17.55 -20.96 -15.13
N LEU C 98 -17.08 -22.03 -14.50
CA LEU C 98 -15.86 -21.95 -13.74
C LEU C 98 -14.71 -21.52 -14.65
N LEU C 99 -14.64 -22.07 -15.86
CA LEU C 99 -13.59 -21.70 -16.80
C LEU C 99 -13.66 -20.24 -17.20
N ASN C 100 -14.88 -19.71 -17.35
CA ASN C 100 -15.10 -18.31 -17.70
C ASN C 100 -14.43 -17.37 -16.70
N SER C 101 -14.75 -17.59 -15.43
CA SER C 101 -14.19 -16.79 -14.36
C SER C 101 -12.68 -16.97 -14.24
N ASP C 102 -12.15 -18.16 -14.58
CA ASP C 102 -10.69 -18.38 -14.54
C ASP C 102 -10.01 -17.47 -15.55
N LEU C 103 -10.68 -17.24 -16.68
CA LEU C 103 -10.16 -16.38 -17.74
C LEU C 103 -10.28 -14.93 -17.30
N GLY C 104 -11.36 -14.65 -16.57
CA GLY C 104 -11.55 -13.32 -16.04
C GLY C 104 -10.38 -13.02 -15.12
N GLU C 105 -10.00 -13.97 -14.27
CA GLU C 105 -8.88 -13.77 -13.34
C GLU C 105 -7.65 -13.42 -14.18
N LEU C 106 -7.32 -14.28 -15.13
CA LEU C 106 -6.17 -14.08 -16.02
C LEU C 106 -6.15 -12.70 -16.69
N ILE C 107 -7.30 -12.22 -17.15
CA ILE C 107 -7.37 -10.92 -17.81
C ILE C 107 -7.16 -9.75 -16.84
N ASN C 108 -7.67 -9.90 -15.62
CA ASN C 108 -7.53 -8.88 -14.59
C ASN C 108 -6.05 -8.76 -14.22
N LYS C 109 -5.35 -9.90 -14.22
CA LYS C 109 -3.94 -9.89 -13.87
C LYS C 109 -3.13 -9.33 -15.01
N MET C 110 -3.68 -9.40 -16.22
CA MET C 110 -2.98 -8.85 -17.37
C MET C 110 -3.17 -7.32 -17.35
N LYS C 111 -4.42 -6.88 -17.41
CA LYS C 111 -4.74 -5.46 -17.36
C LYS C 111 -3.89 -4.74 -16.30
N LEU C 112 -3.60 -5.43 -15.20
CA LEU C 112 -2.79 -4.87 -14.13
C LEU C 112 -1.32 -4.81 -14.51
N ALA C 113 -0.74 -5.93 -14.94
CA ALA C 113 0.67 -5.91 -15.33
C ALA C 113 0.95 -4.89 -16.45
N GLN C 114 -0.11 -4.43 -17.10
CA GLN C 114 0.00 -3.46 -18.18
C GLN C 114 0.06 -2.07 -17.60
N GLN C 115 -0.74 -1.86 -16.56
CA GLN C 115 -0.81 -0.59 -15.88
C GLN C 115 0.46 -0.39 -15.04
N TYR C 116 1.23 -1.46 -14.85
CA TYR C 116 2.45 -1.38 -14.04
C TYR C 116 3.68 -1.91 -14.77
N VAL C 117 4.02 -1.27 -15.89
CA VAL C 117 5.19 -1.65 -16.69
C VAL C 117 6.48 -0.97 -16.21
N MET C 118 7.57 -1.74 -16.21
CA MET C 118 8.89 -1.28 -15.77
C MET C 118 8.75 -0.87 -14.29
N THR C 119 8.26 -1.80 -13.48
CA THR C 119 8.07 -1.57 -12.04
C THR C 119 8.38 -2.86 -11.28
N SER C 120 8.40 -2.76 -9.96
CA SER C 120 8.62 -3.92 -9.12
C SER C 120 7.31 -4.73 -9.15
N LEU C 121 6.24 -4.04 -9.54
CA LEU C 121 4.90 -4.63 -9.60
C LEU C 121 4.64 -5.40 -10.87
N GLN C 122 5.32 -4.99 -11.94
CA GLN C 122 5.17 -5.64 -13.23
C GLN C 122 5.52 -7.13 -13.14
N GLN C 123 6.57 -7.44 -12.40
CA GLN C 123 6.98 -8.83 -12.25
C GLN C 123 5.98 -9.58 -11.40
N GLU C 124 5.31 -8.88 -10.47
CA GLU C 124 4.35 -9.54 -9.58
C GLU C 124 3.11 -9.99 -10.31
N TYR C 125 2.39 -9.05 -10.90
CA TYR C 125 1.18 -9.35 -11.65
C TYR C 125 1.42 -10.33 -12.80
N LYS C 126 2.66 -10.76 -12.99
CA LYS C 126 2.98 -11.73 -14.03
C LYS C 126 2.95 -13.10 -13.37
N LYS C 127 3.42 -13.16 -12.12
CA LYS C 127 3.40 -14.41 -11.40
C LYS C 127 1.94 -14.78 -11.15
N GLN C 128 1.11 -13.74 -11.07
CA GLN C 128 -0.32 -13.90 -10.86
C GLN C 128 -0.98 -14.30 -12.17
N MET C 129 -0.45 -13.82 -13.29
CA MET C 129 -0.98 -14.19 -14.59
C MET C 129 -0.72 -15.68 -14.73
N LEU C 130 0.50 -16.11 -14.40
CA LEU C 130 0.82 -17.52 -14.50
C LEU C 130 -0.12 -18.38 -13.66
N THR C 131 -0.39 -17.90 -12.46
CA THR C 131 -1.25 -18.57 -11.50
C THR C 131 -2.63 -18.80 -12.09
N ALA C 132 -3.22 -17.69 -12.49
CA ALA C 132 -4.54 -17.65 -13.07
C ALA C 132 -4.67 -18.53 -14.30
N ALA C 133 -3.58 -18.68 -15.07
CA ALA C 133 -3.61 -19.49 -16.29
C ALA C 133 -3.46 -20.97 -15.98
N HIS C 134 -2.69 -21.31 -14.96
CA HIS C 134 -2.53 -22.70 -14.58
C HIS C 134 -3.90 -23.20 -14.09
N ALA C 135 -4.68 -22.29 -13.50
CA ALA C 135 -6.00 -22.61 -12.94
C ALA C 135 -6.91 -22.97 -14.08
N LEU C 136 -6.90 -22.09 -15.07
CA LEU C 136 -7.68 -22.30 -16.27
C LEU C 136 -7.35 -23.68 -16.84
N ALA C 137 -6.09 -24.10 -16.79
CA ALA C 137 -5.73 -25.40 -17.33
C ALA C 137 -6.17 -26.60 -16.50
N VAL C 138 -6.04 -26.50 -15.19
CA VAL C 138 -6.43 -27.60 -14.31
C VAL C 138 -7.94 -27.82 -14.41
N ASP C 139 -8.66 -26.72 -14.57
CA ASP C 139 -10.11 -26.76 -14.70
C ASP C 139 -10.56 -27.30 -16.04
N ALA C 140 -9.89 -26.91 -17.11
CA ALA C 140 -10.26 -27.40 -18.42
C ALA C 140 -10.18 -28.93 -18.40
N LYS C 141 -9.21 -29.46 -17.65
CA LYS C 141 -9.04 -30.89 -17.56
C LYS C 141 -10.13 -31.48 -16.68
N ASN C 142 -10.69 -30.65 -15.79
CA ASN C 142 -11.74 -31.13 -14.91
C ASN C 142 -13.05 -31.12 -15.68
N LEU C 143 -13.21 -30.14 -16.55
CA LEU C 143 -14.38 -30.06 -17.39
C LEU C 143 -14.45 -31.38 -18.11
N LEU C 144 -13.36 -31.72 -18.79
CA LEU C 144 -13.24 -32.96 -19.53
C LEU C 144 -13.63 -34.14 -18.64
N ASP C 145 -13.07 -34.19 -17.43
CA ASP C 145 -13.42 -35.29 -16.54
C ASP C 145 -14.93 -35.44 -16.28
N VAL C 146 -15.63 -34.35 -15.98
CA VAL C 146 -17.08 -34.37 -15.74
C VAL C 146 -17.77 -35.02 -16.96
N ILE C 147 -17.59 -34.42 -18.13
CA ILE C 147 -18.17 -34.95 -19.36
C ILE C 147 -17.90 -36.46 -19.60
N ASP C 148 -16.73 -36.95 -19.21
CA ASP C 148 -16.43 -38.37 -19.39
C ASP C 148 -17.34 -39.14 -18.46
N GLN C 149 -17.51 -38.67 -17.22
CA GLN C 149 -18.40 -39.34 -16.26
C GLN C 149 -19.81 -39.32 -16.93
N ALA C 150 -20.12 -38.18 -17.53
CA ALA C 150 -21.38 -38.01 -18.22
C ALA C 150 -21.50 -39.05 -19.34
N ARG C 151 -20.47 -39.21 -20.17
CA ARG C 151 -20.63 -40.21 -21.23
C ARG C 151 -20.72 -41.62 -20.67
N LEU C 152 -19.91 -41.92 -19.65
CA LEU C 152 -19.94 -43.25 -19.06
C LEU C 152 -21.33 -43.54 -18.50
N LYS C 153 -21.95 -42.54 -17.86
CA LYS C 153 -23.29 -42.72 -17.29
C LYS C 153 -24.18 -43.16 -18.43
N MET C 154 -24.32 -42.29 -19.42
CA MET C 154 -25.16 -42.56 -20.56
C MET C 154 -24.89 -43.91 -21.22
N LEU C 155 -23.73 -44.52 -20.97
CA LEU C 155 -23.43 -45.82 -21.57
C LEU C 155 -23.87 -47.00 -20.69
N GLY C 156 -23.89 -46.76 -19.38
CA GLY C 156 -24.29 -47.79 -18.42
C GLY C 156 -25.67 -47.52 -17.80
N THR D 2 22.94 16.78 13.77
CA THR D 2 22.92 17.66 14.97
C THR D 2 24.33 17.92 15.49
N ARG D 3 25.35 17.35 14.83
CA ARG D 3 26.71 17.60 15.27
C ARG D 3 27.11 18.93 14.59
N GLU D 4 26.54 19.18 13.41
CA GLU D 4 26.78 20.41 12.65
C GLU D 4 25.92 21.55 13.23
N LEU D 5 24.73 21.21 13.70
CA LEU D 5 23.82 22.16 14.35
C LEU D 5 24.43 22.48 15.72
N ASP D 6 25.28 21.58 16.22
CA ASP D 6 25.92 21.77 17.52
C ASP D 6 27.17 22.62 17.43
N GLU D 7 27.67 22.76 16.21
CA GLU D 7 28.82 23.62 15.95
C GLU D 7 28.22 25.01 16.15
N LEU D 8 26.99 25.16 15.65
CA LEU D 8 26.23 26.40 15.75
C LEU D 8 25.84 26.69 17.20
N MET D 9 25.12 25.76 17.81
CA MET D 9 24.71 25.97 19.18
C MET D 9 25.90 26.41 20.03
N ALA D 10 27.08 25.91 19.67
CA ALA D 10 28.31 26.24 20.36
C ALA D 10 28.79 27.68 20.10
N SER D 11 28.53 28.20 18.91
CA SER D 11 28.94 29.56 18.52
C SER D 11 28.38 30.65 19.44
N LEU D 12 27.28 30.35 20.12
CA LEU D 12 26.65 31.31 21.03
C LEU D 12 27.06 31.01 22.47
N SER D 13 27.77 29.89 22.63
CA SER D 13 28.27 29.40 23.92
C SER D 13 27.23 28.72 24.80
N THR E 2 -6.96 5.84 -2.58
CA THR E 2 -8.03 5.31 -1.68
C THR E 2 -9.41 5.62 -2.25
N ARG E 3 -9.45 6.40 -3.32
CA ARG E 3 -10.72 6.76 -3.94
C ARG E 3 -11.21 5.57 -4.78
N GLU E 4 -10.26 4.78 -5.27
CA GLU E 4 -10.56 3.60 -6.07
C GLU E 4 -10.82 2.45 -5.09
N LEU E 5 -10.23 2.56 -3.91
CA LEU E 5 -10.39 1.59 -2.84
C LEU E 5 -11.80 1.77 -2.28
N ASP E 6 -12.26 3.02 -2.26
CA ASP E 6 -13.58 3.33 -1.76
C ASP E 6 -14.70 3.06 -2.77
N GLU E 7 -14.30 2.84 -4.01
CA GLU E 7 -15.27 2.50 -5.06
C GLU E 7 -15.63 1.07 -4.68
N LEU E 8 -14.63 0.38 -4.10
CA LEU E 8 -14.73 -0.99 -3.64
C LEU E 8 -15.47 -1.08 -2.31
N MET E 9 -15.10 -0.20 -1.38
CA MET E 9 -15.73 -0.14 -0.06
C MET E 9 -17.20 0.27 -0.19
N ALA E 10 -17.54 0.89 -1.32
CA ALA E 10 -18.91 1.31 -1.54
C ALA E 10 -19.69 0.19 -2.22
N SER E 11 -18.96 -0.81 -2.73
CA SER E 11 -19.54 -1.95 -3.43
C SER E 11 -20.15 -3.00 -2.50
N LEU E 12 -19.72 -3.00 -1.24
CA LEU E 12 -20.26 -3.93 -0.25
C LEU E 12 -21.35 -3.21 0.54
N SER E 13 -21.55 -1.94 0.19
CA SER E 13 -22.56 -1.07 0.79
C SER E 13 -22.30 -0.70 2.26
N THR F 2 -21.54 -17.25 -24.63
CA THR F 2 -20.42 -16.66 -25.42
C THR F 2 -20.52 -15.14 -25.43
N ARG F 3 -21.64 -14.62 -24.94
CA ARG F 3 -21.86 -13.18 -24.90
C ARG F 3 -21.05 -12.59 -23.76
N GLU F 4 -20.84 -13.37 -22.70
CA GLU F 4 -20.07 -12.95 -21.54
C GLU F 4 -18.58 -13.20 -21.79
N LEU F 5 -18.32 -14.11 -22.73
CA LEU F 5 -16.95 -14.45 -23.12
C LEU F 5 -16.45 -13.38 -24.12
N ASP F 6 -17.38 -12.81 -24.87
CA ASP F 6 -17.06 -11.77 -25.84
C ASP F 6 -16.88 -10.42 -25.16
N GLU F 7 -17.44 -10.29 -23.96
CA GLU F 7 -17.29 -9.08 -23.18
C GLU F 7 -15.79 -9.10 -22.91
N LEU F 8 -15.30 -10.31 -22.66
CA LEU F 8 -13.91 -10.59 -22.36
C LEU F 8 -13.01 -10.42 -23.59
N MET F 9 -13.41 -11.02 -24.73
CA MET F 9 -12.63 -10.94 -25.95
C MET F 9 -12.57 -9.50 -26.50
N ALA F 10 -13.50 -8.67 -26.07
CA ALA F 10 -13.57 -7.27 -26.48
C ALA F 10 -12.71 -6.40 -25.56
N SER F 11 -12.44 -6.91 -24.36
CA SER F 11 -11.62 -6.20 -23.38
C SER F 11 -10.20 -6.07 -23.90
N LEU F 12 -9.77 -7.09 -24.64
CA LEU F 12 -8.43 -7.12 -25.21
C LEU F 12 -8.37 -6.25 -26.47
N SER F 13 -9.54 -5.79 -26.91
CA SER F 13 -9.65 -4.94 -28.10
C SER F 13 -9.38 -5.71 -29.38
#